data_9JZO
#
_entry.id   9JZO
#
_cell.length_a   41.630
_cell.length_b   43.100
_cell.length_c   54.200
_cell.angle_alpha   112.970
_cell.angle_beta   90.110
_cell.angle_gamma   118.180
#
_symmetry.space_group_name_H-M   'P 1'
#
loop_
_entity.id
_entity.type
_entity.pdbx_description
1 polymer Endolysine
2 non-polymer 'ZINC ION'
3 water water
#
_entity_poly.entity_id   1
_entity_poly.type   'polypeptide(L)'
_entity_poly.pdbx_seq_one_letter_code
;MKVALTAGHTLTGKGTGATGYINEGTENRILMDLVVKWLKKGGATVYSGKVDKSNNYLAEQCQIANKQNVDVAVQIHFNA
DHTTLDKMGTETIYKTNNGKVYAERVNEKLATIFKNRGAKSDARGLYWLSHTKAPAILIEVCFVDSKADTDYYIRHKDIV
AKLIAEGILNKTI
;
_entity_poly.pdbx_strand_id   A,B
#
# COMPACT_ATOMS: atom_id res chain seq x y z
N MET A 1 12.34 20.93 -12.86
CA MET A 1 11.67 21.57 -11.73
C MET A 1 11.80 20.60 -10.56
N LYS A 2 11.75 21.11 -9.33
CA LYS A 2 11.79 20.28 -8.13
C LYS A 2 10.41 20.23 -7.50
N VAL A 3 9.95 19.01 -7.20
CA VAL A 3 8.59 18.78 -6.71
C VAL A 3 8.68 17.94 -5.44
N ALA A 4 7.99 18.39 -4.39
CA ALA A 4 7.74 17.57 -3.22
C ALA A 4 6.33 16.99 -3.32
N LEU A 5 6.21 15.71 -3.03
CA LEU A 5 4.97 14.97 -3.23
C LEU A 5 4.73 14.08 -2.02
N THR A 6 3.56 14.20 -1.42
CA THR A 6 3.19 13.37 -0.28
C THR A 6 1.84 12.72 -0.50
N ALA A 7 1.68 11.53 0.07
CA ALA A 7 0.40 10.84 0.10
C ALA A 7 -0.36 11.27 1.35
N GLY A 8 -1.62 11.67 1.18
CA GLY A 8 -2.41 12.05 2.33
C GLY A 8 -2.73 10.87 3.24
N HIS A 9 -2.89 11.19 4.51
CA HIS A 9 -3.41 10.30 5.56
C HIS A 9 -2.41 9.29 6.09
N THR A 10 -2.66 8.87 7.32
CA THR A 10 -1.97 7.74 7.93
C THR A 10 -2.73 6.47 7.63
N LEU A 11 -2.15 5.33 8.01
CA LEU A 11 -2.80 4.04 7.81
C LEU A 11 -3.47 3.50 9.06
N THR A 12 -3.11 4.01 10.23
CA THR A 12 -3.71 3.61 11.49
C THR A 12 -3.65 4.79 12.44
N GLY A 13 -4.51 4.76 13.46
CA GLY A 13 -4.55 5.83 14.43
C GLY A 13 -5.20 7.09 13.89
N LYS A 14 -4.84 8.20 14.50
CA LYS A 14 -5.33 9.49 14.05
C LYS A 14 -4.83 9.76 12.64
N GLY A 15 -5.73 10.25 11.78
CA GLY A 15 -5.37 10.72 10.46
C GLY A 15 -5.71 9.79 9.31
N THR A 16 -6.47 8.72 9.53
CA THR A 16 -6.82 7.81 8.44
C THR A 16 -7.85 8.46 7.53
N GLY A 17 -7.94 7.92 6.31
CA GLY A 17 -8.72 8.53 5.25
C GLY A 17 -10.08 7.89 5.09
N ALA A 18 -10.70 8.20 3.95
CA ALA A 18 -12.05 7.76 3.62
C ALA A 18 -12.02 6.44 2.86
N THR A 19 -13.17 5.78 2.80
CA THR A 19 -13.28 4.53 2.05
C THR A 19 -14.66 4.42 1.42
N GLY A 20 -14.69 3.81 0.24
CA GLY A 20 -15.92 3.59 -0.50
C GLY A 20 -15.66 2.49 -1.51
N TYR A 21 -15.81 2.80 -2.80
CA TYR A 21 -15.43 1.83 -3.82
C TYR A 21 -13.92 1.63 -3.88
N ILE A 22 -13.15 2.63 -3.42
CA ILE A 22 -11.71 2.55 -3.25
C ILE A 22 -11.37 3.03 -1.85
N ASN A 23 -10.15 2.69 -1.40
CA ASN A 23 -9.64 3.12 -0.10
C ASN A 23 -8.68 4.28 -0.33
N GLU A 24 -9.00 5.45 0.24
CA GLU A 24 -8.22 6.65 -0.04
C GLU A 24 -6.76 6.51 0.37
N GLY A 25 -6.52 6.06 1.60
CA GLY A 25 -5.15 5.96 2.08
C GLY A 25 -4.29 5.08 1.21
N THR A 26 -4.84 3.95 0.76
CA THR A 26 -4.11 3.04 -0.12
C THR A 26 -3.87 3.67 -1.48
N GLU A 27 -4.93 4.21 -2.09
CA GLU A 27 -4.79 4.75 -3.43
C GLU A 27 -3.92 6.02 -3.46
N ASN A 28 -3.88 6.77 -2.36
CA ASN A 28 -2.96 7.91 -2.30
C ASN A 28 -1.53 7.45 -2.51
N ARG A 29 -1.19 6.26 -1.97
CA ARG A 29 0.17 5.75 -2.08
C ARG A 29 0.43 5.13 -3.44
N ILE A 30 -0.55 4.37 -3.97
CA ILE A 30 -0.42 3.80 -5.30
C ILE A 30 -0.27 4.90 -6.34
N LEU A 31 -1.13 5.92 -6.26
CA LEU A 31 -1.08 6.99 -7.24
C LEU A 31 0.17 7.84 -7.07
N MET A 32 0.60 8.11 -5.82
CA MET A 32 1.89 8.77 -5.62
C MET A 32 3.00 8.14 -6.42
N ASP A 33 3.16 6.83 -6.29
CA ASP A 33 4.26 6.15 -6.98
C ASP A 33 4.17 6.33 -8.49
N LEU A 34 2.95 6.32 -9.03
CA LEU A 34 2.80 6.57 -10.47
C LEU A 34 3.11 8.01 -10.84
N VAL A 35 2.71 8.98 -10.00
CA VAL A 35 3.01 10.37 -10.29
C VAL A 35 4.51 10.61 -10.24
N VAL A 36 5.21 9.99 -9.28
CA VAL A 36 6.67 10.10 -9.24
C VAL A 36 7.26 9.66 -10.57
N LYS A 37 6.80 8.50 -11.07
CA LYS A 37 7.32 7.97 -12.32
C LYS A 37 7.12 8.97 -13.46
N TRP A 38 5.90 9.51 -13.59
CA TRP A 38 5.64 10.42 -14.71
C TRP A 38 6.38 11.75 -14.54
N LEU A 39 6.53 12.23 -13.31
CA LEU A 39 7.28 13.45 -13.09
C LEU A 39 8.74 13.27 -13.49
N LYS A 40 9.34 12.13 -13.13
CA LYS A 40 10.71 11.85 -13.54
C LYS A 40 10.84 11.74 -15.06
N LYS A 41 9.85 11.15 -15.75
CA LYS A 41 9.90 11.14 -17.22
C LYS A 41 9.84 12.54 -17.80
N GLY A 42 9.15 13.46 -17.14
CA GLY A 42 9.14 14.86 -17.52
C GLY A 42 10.37 15.63 -17.13
N GLY A 43 11.36 14.96 -16.53
CA GLY A 43 12.62 15.57 -16.19
C GLY A 43 12.71 16.21 -14.83
N ALA A 44 11.69 16.07 -13.99
CA ALA A 44 11.70 16.75 -12.71
C ALA A 44 12.50 15.94 -11.69
N THR A 45 12.97 16.64 -10.65
CA THR A 45 13.53 16.00 -9.47
C THR A 45 12.44 15.97 -8.41
N VAL A 46 12.20 14.78 -7.85
CA VAL A 46 11.03 14.51 -7.02
C VAL A 46 11.48 14.07 -5.63
N TYR A 47 10.90 14.69 -4.60
CA TYR A 47 11.11 14.32 -3.21
C TYR A 47 9.75 13.88 -2.68
N SER A 48 9.58 12.58 -2.49
CA SER A 48 8.29 12.03 -2.10
C SER A 48 8.35 11.36 -0.73
N GLY A 49 7.17 11.15 -0.16
CA GLY A 49 7.08 10.44 1.10
C GLY A 49 5.65 10.37 1.61
N LYS A 50 5.52 9.72 2.76
CA LYS A 50 4.23 9.46 3.38
C LYS A 50 4.49 9.28 4.87
N VAL A 51 3.42 9.36 5.66
CA VAL A 51 3.48 9.09 7.09
C VAL A 51 2.40 8.08 7.39
N ASP A 52 2.81 6.88 7.82
CA ASP A 52 1.87 5.78 8.02
C ASP A 52 1.32 5.71 9.43
N LYS A 53 2.09 6.17 10.43
CA LYS A 53 1.63 6.08 11.82
C LYS A 53 2.36 7.15 12.63
N SER A 54 1.62 8.16 13.08
CA SER A 54 2.17 9.16 14.00
C SER A 54 1.08 10.10 14.43
N ASN A 55 1.03 10.42 15.73
CA ASN A 55 0.12 11.49 16.15
C ASN A 55 0.56 12.85 15.62
N ASN A 56 1.82 12.97 15.19
CA ASN A 56 2.36 14.22 14.65
C ASN A 56 2.43 14.19 13.13
N TYR A 57 1.52 13.45 12.49
CA TYR A 57 1.65 13.18 11.06
C TYR A 57 1.55 14.45 10.22
N LEU A 58 0.78 15.45 10.65
CA LEU A 58 0.64 16.65 9.82
C LEU A 58 1.96 17.40 9.71
N ALA A 59 2.62 17.63 10.85
CA ALA A 59 3.93 18.27 10.81
C ALA A 59 4.95 17.39 10.07
N GLU A 60 4.86 16.08 10.24
CA GLU A 60 5.84 15.22 9.56
C GLU A 60 5.65 15.26 8.04
N GLN A 61 4.40 15.33 7.57
CA GLN A 61 4.19 15.46 6.13
C GLN A 61 4.84 16.73 5.60
N CYS A 62 4.65 17.85 6.31
CA CYS A 62 5.23 19.11 5.86
C CYS A 62 6.75 19.06 5.88
N GLN A 63 7.32 18.29 6.81
CA GLN A 63 8.76 18.21 6.90
C GLN A 63 9.35 17.52 5.68
N ILE A 64 8.59 16.60 5.06
CA ILE A 64 9.06 15.98 3.82
C ILE A 64 9.24 17.04 2.74
N ALA A 65 8.28 17.98 2.65
CA ALA A 65 8.41 19.05 1.67
C ALA A 65 9.49 20.05 2.08
N ASN A 66 9.60 20.37 3.37
CA ASN A 66 10.45 21.45 3.83
C ASN A 66 11.91 21.06 3.99
N LYS A 67 12.23 19.78 3.91
CA LYS A 67 13.61 19.32 4.05
C LYS A 67 14.52 19.97 3.02
N GLN A 68 14.01 20.31 1.85
CA GLN A 68 14.84 20.84 0.77
C GLN A 68 13.97 21.80 -0.03
N ASN A 69 14.61 22.77 -0.69
CA ASN A 69 13.87 23.72 -1.51
C ASN A 69 13.24 23.02 -2.70
N VAL A 70 11.96 23.33 -2.95
CA VAL A 70 11.23 22.79 -4.11
C VAL A 70 10.42 23.93 -4.71
N ASP A 71 9.98 23.71 -5.95
CA ASP A 71 9.14 24.71 -6.60
C ASP A 71 7.68 24.57 -6.20
N VAL A 72 7.23 23.37 -5.85
CA VAL A 72 5.85 23.15 -5.47
C VAL A 72 5.78 21.90 -4.59
N ALA A 73 4.86 21.93 -3.63
CA ALA A 73 4.61 20.83 -2.71
C ALA A 73 3.18 20.36 -2.95
N VAL A 74 3.01 19.07 -3.21
CA VAL A 74 1.74 18.50 -3.66
C VAL A 74 1.36 17.37 -2.70
N GLN A 75 0.12 17.37 -2.22
CA GLN A 75 -0.39 16.24 -1.44
C GLN A 75 -1.59 15.63 -2.16
N ILE A 76 -1.60 14.29 -2.25
CA ILE A 76 -2.63 13.54 -2.97
C ILE A 76 -3.69 13.05 -1.99
N HIS A 77 -4.96 13.30 -2.35
CA HIS A 77 -6.12 12.84 -1.61
C HIS A 77 -7.19 12.34 -2.57
N PHE A 78 -8.21 11.71 -2.01
CA PHE A 78 -9.47 11.44 -2.70
C PHE A 78 -10.61 11.95 -1.83
N ASN A 79 -11.68 12.38 -2.48
CA ASN A 79 -12.77 13.07 -1.81
C ASN A 79 -13.84 12.09 -1.33
N ALA A 80 -14.78 12.60 -0.53
CA ALA A 80 -15.91 11.80 -0.08
C ALA A 80 -17.05 12.75 0.26
N ASP A 81 -18.28 12.26 0.12
CA ASP A 81 -19.44 13.03 0.55
C ASP A 81 -20.64 12.11 0.78
N HIS A 82 -21.09 11.46 -0.29
CA HIS A 82 -22.17 10.49 -0.19
C HIS A 82 -22.05 9.50 -1.33
N THR A 83 -22.47 8.27 -1.07
CA THR A 83 -22.42 7.23 -2.11
C THR A 83 -23.39 7.59 -3.23
N THR A 84 -22.91 7.52 -4.47
CA THR A 84 -23.74 7.86 -5.62
C THR A 84 -23.21 7.13 -6.85
N LEU A 85 -24.12 6.87 -7.79
CA LEU A 85 -23.73 6.37 -9.11
C LEU A 85 -23.22 7.47 -10.02
N ASP A 86 -23.56 8.72 -9.72
CA ASP A 86 -23.24 9.88 -10.57
C ASP A 86 -21.75 10.21 -10.49
N LYS A 87 -21.25 10.80 -11.57
CA LYS A 87 -19.96 11.49 -11.49
C LYS A 87 -20.05 12.59 -10.45
N MET A 88 -18.98 12.72 -9.66
CA MET A 88 -18.81 13.81 -8.72
C MET A 88 -17.66 14.72 -9.13
N GLY A 89 -16.46 14.18 -9.24
CA GLY A 89 -15.41 14.83 -9.99
C GLY A 89 -14.22 15.27 -9.15
N THR A 90 -13.45 16.21 -9.72
CA THR A 90 -12.10 16.52 -9.28
C THR A 90 -12.01 17.97 -8.84
N GLU A 91 -11.17 18.23 -7.85
CA GLU A 91 -10.87 19.60 -7.44
C GLU A 91 -9.47 19.63 -6.86
N THR A 92 -8.83 20.78 -6.97
CA THR A 92 -7.49 20.97 -6.41
C THR A 92 -7.50 22.21 -5.52
N ILE A 93 -7.05 22.05 -4.29
CA ILE A 93 -7.18 23.07 -3.24
C ILE A 93 -5.86 23.81 -3.11
N TYR A 94 -5.94 25.13 -2.96
CA TYR A 94 -4.80 25.98 -2.68
C TYR A 94 -5.19 26.95 -1.57
N LYS A 95 -4.19 27.55 -0.94
CA LYS A 95 -4.51 28.63 0.00
C LYS A 95 -4.22 30.01 -0.57
N THR A 96 -3.11 30.17 -1.28
CA THR A 96 -2.63 31.47 -1.71
C THR A 96 -2.33 31.46 -3.20
N ASN A 97 -2.06 32.65 -3.71
CA ASN A 97 -1.86 32.86 -5.15
C ASN A 97 -0.77 31.96 -5.71
N ASN A 98 0.33 31.77 -4.97
CA ASN A 98 1.43 30.98 -5.50
C ASN A 98 1.05 29.53 -5.74
N GLY A 99 0.15 28.97 -4.91
CA GLY A 99 -0.35 27.63 -5.16
C GLY A 99 -1.44 27.58 -6.19
N LYS A 100 -2.25 28.64 -6.27
CA LYS A 100 -3.32 28.71 -7.27
C LYS A 100 -2.80 28.50 -8.70
N VAL A 101 -1.61 29.04 -9.01
CA VAL A 101 -1.01 28.83 -10.33
C VAL A 101 -1.00 27.35 -10.68
N TYR A 102 -0.49 26.52 -9.77
CA TYR A 102 -0.40 25.08 -10.01
C TYR A 102 -1.77 24.41 -9.92
N ALA A 103 -2.60 24.84 -8.97
CA ALA A 103 -3.91 24.22 -8.81
C ALA A 103 -4.75 24.36 -10.07
N GLU A 104 -4.71 25.53 -10.71
CA GLU A 104 -5.46 25.72 -11.94
C GLU A 104 -4.95 24.83 -13.06
N ARG A 105 -3.62 24.65 -13.18
CA ARG A 105 -3.09 23.80 -14.24
C ARG A 105 -3.44 22.33 -14.02
N VAL A 106 -3.31 21.85 -12.78
CA VAL A 106 -3.63 20.46 -12.47
C VAL A 106 -5.12 20.21 -12.66
N ASN A 107 -5.96 21.11 -12.18
CA ASN A 107 -7.40 20.92 -12.32
C ASN A 107 -7.81 20.91 -13.79
N GLU A 108 -7.20 21.77 -14.62
CA GLU A 108 -7.55 21.80 -16.04
C GLU A 108 -7.27 20.46 -16.69
N LYS A 109 -6.15 19.83 -16.33
CA LYS A 109 -5.82 18.52 -16.88
C LYS A 109 -6.79 17.45 -16.36
N LEU A 110 -7.02 17.42 -15.05
CA LEU A 110 -7.88 16.37 -14.50
C LEU A 110 -9.33 16.54 -14.94
N ALA A 111 -9.75 17.76 -15.27
CA ALA A 111 -11.11 18.01 -15.75
C ALA A 111 -11.37 17.43 -17.13
N THR A 112 -10.33 16.97 -17.84
CA THR A 112 -10.57 16.26 -19.09
C THR A 112 -10.93 14.80 -18.88
N ILE A 113 -10.80 14.27 -17.66
CA ILE A 113 -11.19 12.89 -17.36
C ILE A 113 -12.20 12.79 -16.22
N PHE A 114 -12.33 13.81 -15.38
CA PHE A 114 -13.30 13.82 -14.30
C PHE A 114 -14.16 15.07 -14.42
N LYS A 115 -15.36 14.99 -13.82
CA LYS A 115 -16.22 16.16 -13.75
C LYS A 115 -15.49 17.31 -13.07
N ASN A 116 -15.62 18.50 -13.64
CA ASN A 116 -14.84 19.65 -13.18
C ASN A 116 -15.53 20.31 -12.00
N ARG A 117 -14.90 20.22 -10.82
CA ARG A 117 -15.34 21.01 -9.67
C ARG A 117 -14.47 22.24 -9.46
N GLY A 118 -13.31 22.31 -10.11
CA GLY A 118 -12.51 23.50 -10.19
C GLY A 118 -11.40 23.54 -9.16
N ALA A 119 -10.43 24.41 -9.42
CA ALA A 119 -9.48 24.79 -8.38
C ALA A 119 -10.23 25.62 -7.33
N LYS A 120 -9.90 25.39 -6.06
CA LYS A 120 -10.70 25.90 -4.96
C LYS A 120 -9.80 26.43 -3.86
N SER A 121 -10.14 27.60 -3.33
CA SER A 121 -9.42 28.13 -2.19
C SER A 121 -9.77 27.36 -0.92
N ASP A 122 -8.79 27.26 -0.03
CA ASP A 122 -8.94 26.47 1.20
C ASP A 122 -9.96 27.11 2.14
N ALA A 123 -11.04 26.39 2.40
CA ALA A 123 -12.10 26.85 3.31
C ALA A 123 -12.10 26.09 4.64
N ARG A 124 -11.01 25.39 4.96
CA ARG A 124 -10.97 24.64 6.21
C ARG A 124 -9.61 24.74 6.92
N GLY A 125 -8.76 25.70 6.55
CA GLY A 125 -7.50 25.93 7.23
C GLY A 125 -6.58 24.71 7.31
N LEU A 126 -6.42 24.02 6.18
CA LEU A 126 -5.69 22.76 6.15
C LEU A 126 -4.23 22.97 6.51
N TYR A 127 -3.71 22.13 7.42
CA TYR A 127 -2.34 22.29 7.89
C TYR A 127 -1.34 22.25 6.73
N TRP A 128 -1.53 21.32 5.79
CA TRP A 128 -0.57 21.17 4.70
C TRP A 128 -0.38 22.45 3.92
N LEU A 129 -1.47 23.20 3.69
CA LEU A 129 -1.39 24.39 2.85
C LEU A 129 -0.83 25.61 3.59
N SER A 130 -0.68 25.53 4.90
CA SER A 130 -0.20 26.67 5.67
C SER A 130 1.16 26.43 6.32
N HIS A 131 1.73 25.22 6.20
CA HIS A 131 2.97 24.92 6.88
C HIS A 131 4.08 24.41 5.97
N THR A 132 3.94 24.57 4.65
CA THR A 132 5.07 24.31 3.77
C THR A 132 5.72 25.62 3.34
N LYS A 133 7.03 25.56 3.13
CA LYS A 133 7.77 26.71 2.64
C LYS A 133 7.46 27.00 1.17
N ALA A 134 7.31 25.96 0.37
CA ALA A 134 7.05 26.11 -1.04
C ALA A 134 5.56 26.33 -1.28
N PRO A 135 5.18 26.91 -2.43
CA PRO A 135 3.77 26.93 -2.83
C PRO A 135 3.20 25.52 -2.76
N ALA A 136 1.97 25.41 -2.24
CA ALA A 136 1.40 24.11 -1.94
C ALA A 136 0.02 23.93 -2.55
N ILE A 137 -0.26 22.69 -2.97
CA ILE A 137 -1.58 22.31 -3.44
C ILE A 137 -1.97 20.97 -2.82
N LEU A 138 -3.27 20.73 -2.76
CA LEU A 138 -3.83 19.47 -2.30
C LEU A 138 -4.81 18.99 -3.37
N ILE A 139 -4.50 17.86 -3.99
CA ILE A 139 -5.32 17.36 -5.09
C ILE A 139 -6.37 16.41 -4.51
N GLU A 140 -7.65 16.73 -4.69
CA GLU A 140 -8.72 15.77 -4.43
C GLU A 140 -9.07 15.11 -5.76
N VAL A 141 -8.42 13.97 -6.01
CA VAL A 141 -8.40 13.39 -7.35
C VAL A 141 -9.81 13.15 -7.86
N CYS A 142 -10.59 12.37 -7.11
CA CYS A 142 -12.00 12.11 -7.42
C CYS A 142 -12.64 11.59 -6.13
N PHE A 143 -13.93 11.25 -6.20
CA PHE A 143 -14.65 10.82 -5.01
C PHE A 143 -14.57 9.31 -4.83
N VAL A 144 -14.22 8.87 -3.62
CA VAL A 144 -14.12 7.44 -3.35
C VAL A 144 -15.47 6.75 -3.39
N ASP A 145 -16.55 7.52 -3.25
CA ASP A 145 -17.90 7.01 -3.11
C ASP A 145 -18.76 7.29 -4.33
N SER A 146 -18.17 7.72 -5.43
CA SER A 146 -18.86 7.86 -6.71
C SER A 146 -18.51 6.64 -7.55
N LYS A 147 -19.53 5.90 -7.99
CA LYS A 147 -19.25 4.73 -8.82
C LYS A 147 -18.66 5.15 -10.16
N ALA A 148 -19.15 6.25 -10.73
CA ALA A 148 -18.64 6.68 -12.03
C ALA A 148 -17.19 7.16 -11.92
N ASP A 149 -16.88 7.98 -10.91
CA ASP A 149 -15.51 8.45 -10.73
C ASP A 149 -14.55 7.27 -10.58
N THR A 150 -14.91 6.33 -9.70
CA THR A 150 -14.00 5.24 -9.38
C THR A 150 -13.93 4.22 -10.51
N ASP A 151 -15.03 4.02 -11.24
CA ASP A 151 -14.95 3.14 -12.40
C ASP A 151 -13.89 3.64 -13.39
N TYR A 152 -13.86 4.95 -13.62
CA TYR A 152 -12.82 5.50 -14.49
C TYR A 152 -11.45 5.37 -13.84
N TYR A 153 -11.33 5.82 -12.59
CA TYR A 153 -10.01 5.87 -11.94
C TYR A 153 -9.34 4.49 -11.93
N ILE A 154 -10.07 3.45 -11.53
CA ILE A 154 -9.46 2.15 -11.34
C ILE A 154 -8.90 1.60 -12.64
N ARG A 155 -9.49 1.96 -13.77
CA ARG A 155 -9.05 1.48 -15.08
C ARG A 155 -8.06 2.40 -15.77
N HIS A 156 -7.76 3.56 -15.19
CA HIS A 156 -6.92 4.55 -15.86
C HIS A 156 -5.93 5.20 -14.91
N LYS A 157 -5.39 4.45 -13.94
CA LYS A 157 -4.54 5.07 -12.92
C LYS A 157 -3.33 5.75 -13.54
N ASP A 158 -2.72 5.12 -14.55
CA ASP A 158 -1.54 5.69 -15.18
C ASP A 158 -1.87 6.99 -15.90
N ILE A 159 -3.05 7.08 -16.52
CA ILE A 159 -3.47 8.32 -17.16
C ILE A 159 -3.71 9.41 -16.11
N VAL A 160 -4.36 9.06 -15.00
CA VAL A 160 -4.55 10.04 -13.93
C VAL A 160 -3.20 10.61 -13.48
N ALA A 161 -2.21 9.73 -13.31
CA ALA A 161 -0.90 10.16 -12.87
C ALA A 161 -0.22 11.03 -13.91
N LYS A 162 -0.33 10.66 -15.20
CA LYS A 162 0.28 11.43 -16.26
C LYS A 162 -0.31 12.83 -16.31
N LEU A 163 -1.62 12.95 -16.18
CA LEU A 163 -2.26 14.26 -16.25
C LEU A 163 -1.86 15.12 -15.07
N ILE A 164 -1.74 14.53 -13.88
CA ILE A 164 -1.25 15.30 -12.73
C ILE A 164 0.15 15.81 -12.99
N ALA A 165 1.03 14.92 -13.48
CA ALA A 165 2.40 15.33 -13.76
C ALA A 165 2.46 16.40 -14.84
N GLU A 166 1.64 16.27 -15.88
CA GLU A 166 1.64 17.28 -16.94
C GLU A 166 1.16 18.62 -16.41
N GLY A 167 0.19 18.60 -15.50
CA GLY A 167 -0.28 19.86 -14.92
C GLY A 167 0.76 20.51 -14.03
N ILE A 168 1.47 19.69 -13.24
CA ILE A 168 2.51 20.22 -12.35
C ILE A 168 3.64 20.84 -13.16
N LEU A 169 4.09 20.13 -14.20
CA LEU A 169 5.23 20.57 -15.00
C LEU A 169 4.85 21.55 -16.10
N ASN A 170 3.55 21.76 -16.33
CA ASN A 170 3.08 22.67 -17.38
C ASN A 170 3.62 22.28 -18.75
N LYS A 171 3.63 20.98 -19.04
CA LYS A 171 4.06 20.55 -20.37
C LYS A 171 3.53 19.17 -20.64
N THR A 172 3.51 18.80 -21.92
CA THR A 172 3.19 17.45 -22.34
C THR A 172 4.36 16.53 -22.04
N ILE A 173 4.04 15.31 -21.60
CA ILE A 173 5.05 14.30 -21.31
C ILE A 173 4.86 13.09 -22.23
N MET B 1 -15.66 -14.97 5.23
CA MET B 1 -14.61 -15.74 4.56
C MET B 1 -13.86 -16.57 5.60
N LYS B 2 -13.41 -17.76 5.18
CA LYS B 2 -12.64 -18.67 6.02
C LYS B 2 -11.19 -18.70 5.54
N VAL B 3 -10.25 -18.51 6.46
CA VAL B 3 -8.83 -18.39 6.13
C VAL B 3 -8.03 -19.35 6.99
N ALA B 4 -7.13 -20.10 6.37
CA ALA B 4 -6.12 -20.84 7.11
C ALA B 4 -4.78 -20.13 6.99
N LEU B 5 -4.08 -20.02 8.12
CA LEU B 5 -2.80 -19.32 8.19
C LEU B 5 -1.77 -20.20 8.84
N THR B 6 -0.57 -20.25 8.27
CA THR B 6 0.54 -20.94 8.91
C THR B 6 1.78 -20.04 8.90
N ALA B 7 2.59 -20.21 9.93
CA ALA B 7 3.89 -19.56 9.99
C ALA B 7 4.93 -20.47 9.36
N GLY B 8 5.73 -19.92 8.44
CA GLY B 8 6.77 -20.71 7.83
C GLY B 8 7.85 -21.12 8.81
N HIS B 9 8.45 -22.28 8.53
CA HIS B 9 9.66 -22.79 9.16
C HIS B 9 9.43 -23.43 10.52
N THR B 10 10.35 -24.34 10.88
CA THR B 10 10.44 -24.87 12.23
C THR B 10 11.38 -23.97 13.03
N LEU B 11 11.50 -24.26 14.33
CA LEU B 11 12.42 -23.51 15.18
C LEU B 11 13.73 -24.23 15.43
N THR B 12 13.77 -25.54 15.20
CA THR B 12 14.99 -26.32 15.35
C THR B 12 14.95 -27.48 14.36
N GLY B 13 16.13 -28.04 14.08
CA GLY B 13 16.20 -29.19 13.19
C GLY B 13 15.99 -28.80 11.73
N LYS B 14 15.49 -29.77 10.96
CA LYS B 14 15.17 -29.55 9.57
C LYS B 14 14.08 -28.48 9.47
N GLY B 15 14.26 -27.52 8.57
CA GLY B 15 13.22 -26.57 8.22
C GLY B 15 13.35 -25.17 8.81
N THR B 16 14.47 -24.83 9.44
CA THR B 16 14.62 -23.52 10.03
C THR B 16 14.85 -22.46 8.95
N GLY B 17 14.62 -21.21 9.34
CA GLY B 17 14.59 -20.10 8.40
C GLY B 17 15.84 -19.23 8.42
N ALA B 18 15.70 -18.04 7.83
CA ALA B 18 16.76 -17.08 7.63
C ALA B 18 16.89 -16.12 8.81
N THR B 19 18.03 -15.44 8.89
CA THR B 19 18.22 -14.43 9.92
C THR B 19 19.05 -13.28 9.37
N GLY B 20 18.76 -12.08 9.88
CA GLY B 20 19.46 -10.87 9.49
C GLY B 20 19.23 -9.84 10.57
N TYR B 21 18.67 -8.69 10.20
CA TYR B 21 18.24 -7.74 11.21
C TYR B 21 17.06 -8.25 12.02
N ILE B 22 16.29 -9.20 11.45
CA ILE B 22 15.22 -9.90 12.13
C ILE B 22 15.41 -11.41 11.91
N ASN B 23 14.74 -12.20 12.75
CA ASN B 23 14.77 -13.66 12.66
C ASN B 23 13.47 -14.13 12.01
N GLU B 24 13.58 -14.79 10.85
CA GLU B 24 12.38 -15.13 10.07
C GLU B 24 11.43 -16.04 10.85
N GLY B 25 11.95 -17.12 11.43
CA GLY B 25 11.07 -18.05 12.14
C GLY B 25 10.32 -17.37 13.27
N THR B 26 10.98 -16.46 13.98
CA THR B 26 10.35 -15.72 15.07
C THR B 26 9.30 -14.75 14.52
N GLU B 27 9.67 -13.96 13.52
CA GLU B 27 8.74 -12.96 13.00
C GLU B 27 7.56 -13.60 12.27
N ASN B 28 7.76 -14.76 11.64
CA ASN B 28 6.64 -15.46 11.02
C ASN B 28 5.55 -15.71 12.05
N ARG B 29 5.96 -16.09 13.28
CA ARG B 29 5.01 -16.37 14.34
C ARG B 29 4.40 -15.10 14.90
N ILE B 30 5.23 -14.07 15.17
CA ILE B 30 4.72 -12.80 15.67
C ILE B 30 3.71 -12.19 14.69
N LEU B 31 4.10 -12.16 13.41
CA LEU B 31 3.23 -11.54 12.41
C LEU B 31 1.97 -12.38 12.16
N MET B 32 2.10 -13.71 12.17
CA MET B 32 0.91 -14.56 12.07
C MET B 32 -0.16 -14.16 13.07
N ASP B 33 0.24 -14.02 14.33
CA ASP B 33 -0.73 -13.71 15.37
C ASP B 33 -1.39 -12.36 15.11
N LEU B 34 -0.61 -11.39 14.62
CA LEU B 34 -1.21 -10.10 14.29
C LEU B 34 -2.17 -10.21 13.10
N VAL B 35 -1.81 -11.01 12.10
CA VAL B 35 -2.70 -11.19 10.96
C VAL B 35 -4.02 -11.84 11.38
N VAL B 36 -3.96 -12.83 12.28
CA VAL B 36 -5.19 -13.44 12.79
C VAL B 36 -6.09 -12.38 13.41
N LYS B 37 -5.51 -11.52 14.25
CA LYS B 37 -6.28 -10.47 14.92
C LYS B 37 -6.95 -9.55 13.90
N TRP B 38 -6.21 -9.12 12.88
CA TRP B 38 -6.80 -8.22 11.90
C TRP B 38 -7.83 -8.94 11.01
N LEU B 39 -7.58 -10.21 10.68
CA LEU B 39 -8.57 -10.94 9.91
C LEU B 39 -9.87 -11.11 10.69
N LYS B 40 -9.77 -11.35 11.99
CA LYS B 40 -10.96 -11.47 12.82
C LYS B 40 -11.70 -10.13 12.91
N LYS B 41 -10.94 -9.03 13.02
CA LYS B 41 -11.56 -7.71 13.02
C LYS B 41 -12.34 -7.46 11.74
N GLY B 42 -11.90 -8.04 10.62
CA GLY B 42 -12.57 -7.96 9.34
C GLY B 42 -13.70 -8.94 9.15
N GLY B 43 -14.04 -9.71 10.18
CA GLY B 43 -15.17 -10.61 10.12
C GLY B 43 -14.87 -12.02 9.64
N ALA B 44 -13.60 -12.38 9.50
CA ALA B 44 -13.28 -13.69 8.96
C ALA B 44 -13.23 -14.74 10.06
N THR B 45 -13.44 -15.99 9.66
CA THR B 45 -13.21 -17.16 10.50
C THR B 45 -11.80 -17.68 10.19
N VAL B 46 -10.96 -17.78 11.21
CA VAL B 46 -9.53 -18.00 11.00
C VAL B 46 -9.09 -19.28 11.71
N TYR B 47 -8.30 -20.09 11.00
CA TYR B 47 -7.65 -21.27 11.54
C TYR B 47 -6.16 -21.11 11.30
N SER B 48 -5.37 -21.13 12.38
CA SER B 48 -3.95 -20.87 12.25
C SER B 48 -3.15 -21.93 12.98
N GLY B 49 -1.87 -22.00 12.64
CA GLY B 49 -0.97 -22.90 13.34
C GLY B 49 0.45 -22.79 12.83
N LYS B 50 1.31 -23.61 13.43
CA LYS B 50 2.73 -23.62 13.12
C LYS B 50 3.27 -24.98 13.50
N VAL B 51 4.47 -25.28 13.00
CA VAL B 51 5.16 -26.52 13.33
C VAL B 51 6.53 -26.13 13.81
N ASP B 52 6.83 -26.40 15.08
CA ASP B 52 8.08 -25.94 15.67
C ASP B 52 9.20 -26.98 15.56
N LYS B 53 8.87 -28.27 15.52
CA LYS B 53 9.90 -29.31 15.43
C LYS B 53 9.29 -30.55 14.80
N SER B 54 9.72 -30.90 13.60
CA SER B 54 9.30 -32.15 12.98
C SER B 54 10.07 -32.36 11.69
N ASN B 55 10.49 -33.60 11.46
CA ASN B 55 11.06 -33.90 10.14
C ASN B 55 9.97 -33.92 9.08
N ASN B 56 8.71 -34.04 9.49
CA ASN B 56 7.57 -34.06 8.59
C ASN B 56 6.83 -32.72 8.57
N TYR B 57 7.56 -31.61 8.78
CA TYR B 57 6.91 -30.33 8.99
C TYR B 57 6.11 -29.86 7.78
N LEU B 58 6.55 -30.19 6.56
CA LEU B 58 5.81 -29.72 5.38
C LEU B 58 4.41 -30.30 5.32
N ALA B 59 4.29 -31.62 5.45
CA ALA B 59 2.98 -32.25 5.48
C ALA B 59 2.16 -31.78 6.67
N GLU B 60 2.82 -31.52 7.81
CA GLU B 60 2.06 -31.10 8.98
C GLU B 60 1.51 -29.69 8.78
N GLN B 61 2.28 -28.80 8.13
CA GLN B 61 1.77 -27.46 7.85
C GLN B 61 0.52 -27.53 6.97
N CYS B 62 0.57 -28.36 5.93
CA CYS B 62 -0.57 -28.49 5.04
C CYS B 62 -1.77 -29.08 5.76
N GLN B 63 -1.53 -29.98 6.72
CA GLN B 63 -2.64 -30.58 7.46
C GLN B 63 -3.39 -29.54 8.29
N ILE B 64 -2.69 -28.51 8.79
CA ILE B 64 -3.35 -27.42 9.50
C ILE B 64 -4.36 -26.73 8.59
N ALA B 65 -4.00 -26.52 7.33
CA ALA B 65 -4.92 -25.89 6.38
C ALA B 65 -6.02 -26.86 5.94
N ASN B 66 -5.69 -28.14 5.76
CA ASN B 66 -6.59 -29.10 5.14
C ASN B 66 -7.61 -29.69 6.12
N LYS B 67 -7.39 -29.54 7.42
CA LYS B 67 -8.30 -30.12 8.42
C LYS B 67 -9.73 -29.68 8.20
N GLN B 68 -9.93 -28.44 7.75
CA GLN B 68 -11.25 -27.89 7.56
C GLN B 68 -11.27 -27.09 6.26
N ASN B 69 -12.45 -26.99 5.64
CA ASN B 69 -12.58 -26.23 4.40
C ASN B 69 -12.35 -24.75 4.69
N VAL B 70 -11.52 -24.11 3.86
CA VAL B 70 -11.29 -22.67 3.91
C VAL B 70 -11.31 -22.12 2.50
N ASP B 71 -11.43 -20.80 2.40
CA ASP B 71 -11.41 -20.16 1.09
C ASP B 71 -9.98 -19.93 0.59
N VAL B 72 -9.02 -19.77 1.50
CA VAL B 72 -7.63 -19.51 1.11
C VAL B 72 -6.73 -19.94 2.26
N ALA B 73 -5.56 -20.48 1.90
CA ALA B 73 -4.53 -20.92 2.84
C ALA B 73 -3.29 -20.06 2.58
N VAL B 74 -2.76 -19.47 3.64
CA VAL B 74 -1.70 -18.46 3.54
C VAL B 74 -0.54 -18.91 4.43
N GLN B 75 0.67 -18.88 3.90
CA GLN B 75 1.85 -19.11 4.73
C GLN B 75 2.75 -17.88 4.72
N ILE B 76 3.25 -17.51 5.90
CA ILE B 76 4.06 -16.30 6.10
C ILE B 76 5.55 -16.64 6.13
N HIS B 77 6.33 -15.91 5.32
CA HIS B 77 7.78 -16.01 5.25
C HIS B 77 8.38 -14.62 5.15
N PHE B 78 9.71 -14.57 5.30
CA PHE B 78 10.51 -13.40 4.97
C PHE B 78 11.64 -13.85 4.06
N ASN B 79 12.05 -12.94 3.18
CA ASN B 79 13.04 -13.22 2.15
C ASN B 79 14.46 -12.96 2.67
N ALA B 80 15.44 -13.34 1.86
CA ALA B 80 16.83 -13.13 2.23
C ALA B 80 17.66 -13.10 0.96
N ASP B 81 18.75 -12.33 0.99
CA ASP B 81 19.69 -12.30 -0.13
C ASP B 81 21.07 -12.00 0.40
N HIS B 82 21.35 -10.72 0.62
CA HIS B 82 22.61 -10.26 1.18
C HIS B 82 22.32 -9.04 2.06
N THR B 83 23.15 -8.86 3.08
CA THR B 83 22.95 -7.72 3.98
C THR B 83 23.17 -6.41 3.22
N THR B 84 22.22 -5.50 3.35
CA THR B 84 22.25 -4.24 2.60
C THR B 84 21.43 -3.20 3.34
N LEU B 85 21.81 -1.94 3.14
CA LEU B 85 21.00 -0.82 3.60
C LEU B 85 19.81 -0.55 2.69
N ASP B 86 19.86 -0.98 1.43
CA ASP B 86 18.84 -0.59 0.48
C ASP B 86 17.56 -1.42 0.63
N LYS B 87 16.47 -0.82 0.17
CA LYS B 87 15.20 -1.53 0.09
C LYS B 87 15.34 -2.74 -0.83
N MET B 88 14.65 -3.81 -0.47
CA MET B 88 14.60 -5.01 -1.29
C MET B 88 13.16 -5.35 -1.66
N GLY B 89 12.30 -5.56 -0.68
CA GLY B 89 10.88 -5.47 -0.92
C GLY B 89 10.12 -6.78 -0.76
N THR B 90 8.93 -6.80 -1.33
CA THR B 90 7.90 -7.78 -1.02
C THR B 90 7.48 -8.54 -2.27
N GLU B 91 7.10 -9.80 -2.08
CA GLU B 91 6.54 -10.60 -3.15
C GLU B 91 5.64 -11.66 -2.54
N THR B 92 4.65 -12.10 -3.32
CA THR B 92 3.72 -13.14 -2.88
C THR B 92 3.64 -14.21 -3.96
N ILE B 93 3.86 -15.47 -3.56
CA ILE B 93 3.99 -16.59 -4.48
C ILE B 93 2.69 -17.37 -4.55
N TYR B 94 2.32 -17.77 -5.76
CA TYR B 94 1.18 -18.65 -6.01
C TYR B 94 1.61 -19.73 -7.00
N LYS B 95 0.80 -20.78 -7.10
CA LYS B 95 1.03 -21.80 -8.11
C LYS B 95 0.01 -21.75 -9.24
N THR B 96 -1.26 -21.54 -8.91
CA THR B 96 -2.34 -21.61 -9.90
C THR B 96 -3.22 -20.37 -9.80
N ASN B 97 -4.11 -20.26 -10.78
CA ASN B 97 -5.01 -19.11 -10.91
C ASN B 97 -5.77 -18.82 -9.63
N ASN B 98 -6.25 -19.86 -8.95
CA ASN B 98 -7.09 -19.63 -7.78
C ASN B 98 -6.34 -18.97 -6.63
N GLY B 99 -5.03 -19.22 -6.53
CA GLY B 99 -4.22 -18.50 -5.56
C GLY B 99 -3.78 -17.15 -6.06
N LYS B 100 -3.54 -17.02 -7.36
CA LYS B 100 -3.13 -15.75 -7.97
C LYS B 100 -4.11 -14.63 -7.62
N VAL B 101 -5.41 -14.92 -7.56
CA VAL B 101 -6.39 -13.89 -7.20
C VAL B 101 -5.97 -13.21 -5.89
N TYR B 102 -5.65 -14.02 -4.87
CA TYR B 102 -5.29 -13.47 -3.57
C TYR B 102 -3.87 -12.89 -3.59
N ALA B 103 -2.94 -13.54 -4.28
CA ALA B 103 -1.57 -13.07 -4.30
C ALA B 103 -1.48 -11.66 -4.89
N GLU B 104 -2.27 -11.37 -5.93
CA GLU B 104 -2.21 -10.05 -6.54
C GLU B 104 -2.76 -8.98 -5.59
N ARG B 105 -3.82 -9.30 -4.85
CA ARG B 105 -4.37 -8.33 -3.91
C ARG B 105 -3.45 -8.10 -2.73
N VAL B 106 -2.84 -9.15 -2.20
CA VAL B 106 -1.93 -8.99 -1.08
C VAL B 106 -0.70 -8.20 -1.53
N ASN B 107 -0.15 -8.54 -2.69
CA ASN B 107 1.04 -7.83 -3.16
C ASN B 107 0.73 -6.36 -3.39
N GLU B 108 -0.46 -6.04 -3.91
CA GLU B 108 -0.81 -4.64 -4.17
C GLU B 108 -0.82 -3.85 -2.86
N LYS B 109 -1.33 -4.46 -1.79
CA LYS B 109 -1.33 -3.79 -0.49
C LYS B 109 0.08 -3.64 0.06
N LEU B 110 0.86 -4.73 0.05
CA LEU B 110 2.20 -4.64 0.61
C LEU B 110 3.12 -3.75 -0.20
N ALA B 111 2.85 -3.57 -1.50
CA ALA B 111 3.66 -2.69 -2.31
C ALA B 111 3.48 -1.22 -1.96
N THR B 112 2.50 -0.89 -1.13
CA THR B 112 2.39 0.49 -0.64
C THR B 112 3.31 0.79 0.54
N ILE B 113 3.96 -0.22 1.11
CA ILE B 113 4.94 -0.04 2.17
C ILE B 113 6.30 -0.62 1.85
N PHE B 114 6.42 -1.56 0.92
CA PHE B 114 7.68 -2.18 0.55
C PHE B 114 7.88 -2.07 -0.96
N LYS B 115 9.15 -2.14 -1.38
CA LYS B 115 9.44 -2.19 -2.81
C LYS B 115 8.72 -3.37 -3.45
N ASN B 116 8.11 -3.13 -4.61
CA ASN B 116 7.20 -4.10 -5.23
C ASN B 116 7.99 -5.09 -6.09
N ARG B 117 8.16 -6.32 -5.61
CA ARG B 117 8.74 -7.36 -6.45
C ARG B 117 7.70 -8.18 -7.20
N GLY B 118 6.45 -8.11 -6.79
CA GLY B 118 5.34 -8.63 -7.57
C GLY B 118 4.77 -9.93 -7.01
N ALA B 119 3.55 -10.24 -7.44
CA ALA B 119 3.03 -11.58 -7.30
C ALA B 119 3.70 -12.45 -8.35
N LYS B 120 4.22 -13.59 -7.93
CA LYS B 120 5.04 -14.43 -8.81
C LYS B 120 4.55 -15.87 -8.78
N SER B 121 4.59 -16.50 -9.95
CA SER B 121 4.27 -17.92 -10.03
C SER B 121 5.47 -18.74 -9.56
N ASP B 122 5.16 -19.82 -8.83
CA ASP B 122 6.20 -20.67 -8.25
C ASP B 122 6.91 -21.48 -9.33
N ALA B 123 8.23 -21.38 -9.37
CA ALA B 123 9.06 -22.21 -10.25
C ALA B 123 9.96 -23.14 -9.46
N ARG B 124 9.67 -23.35 -8.17
CA ARG B 124 10.53 -24.14 -7.29
C ARG B 124 9.83 -25.34 -6.67
N GLY B 125 8.59 -25.64 -7.05
CA GLY B 125 7.91 -26.81 -6.51
C GLY B 125 7.63 -26.76 -5.02
N LEU B 126 7.21 -25.60 -4.50
CA LEU B 126 6.90 -25.46 -3.09
C LEU B 126 5.81 -26.42 -2.66
N TYR B 127 6.11 -27.24 -1.66
CA TYR B 127 5.16 -28.22 -1.15
C TYR B 127 3.86 -27.57 -0.69
N TRP B 128 3.97 -26.43 0.01
CA TRP B 128 2.80 -25.75 0.55
C TRP B 128 1.78 -25.43 -0.55
N LEU B 129 2.26 -24.97 -1.71
CA LEU B 129 1.34 -24.58 -2.77
C LEU B 129 0.73 -25.78 -3.50
N SER B 130 1.35 -26.95 -3.39
CA SER B 130 0.93 -28.13 -4.15
C SER B 130 0.15 -29.13 -3.32
N HIS B 131 0.10 -28.98 -1.99
CA HIS B 131 -0.51 -29.97 -1.12
C HIS B 131 -1.62 -29.41 -0.24
N THR B 132 -2.08 -28.21 -0.55
CA THR B 132 -3.23 -27.61 0.10
C THR B 132 -4.49 -27.86 -0.71
N LYS B 133 -5.58 -28.18 0.00
CA LYS B 133 -6.89 -28.32 -0.63
C LYS B 133 -7.42 -26.98 -1.13
N ALA B 134 -7.27 -25.93 -0.33
CA ALA B 134 -7.77 -24.62 -0.68
C ALA B 134 -6.78 -23.89 -1.58
N PRO B 135 -7.23 -22.85 -2.30
CA PRO B 135 -6.27 -21.96 -2.99
C PRO B 135 -5.24 -21.45 -1.99
N ALA B 136 -3.99 -21.36 -2.44
CA ALA B 136 -2.90 -21.12 -1.50
C ALA B 136 -1.96 -20.05 -2.02
N ILE B 137 -1.39 -19.30 -1.08
CA ILE B 137 -0.35 -18.31 -1.37
C ILE B 137 0.73 -18.39 -0.29
N LEU B 138 1.91 -17.92 -0.65
CA LEU B 138 3.03 -17.83 0.29
C LEU B 138 3.55 -16.40 0.21
N ILE B 139 3.45 -15.67 1.32
CA ILE B 139 3.86 -14.27 1.36
C ILE B 139 5.31 -14.18 1.82
N GLU B 140 6.17 -13.60 0.97
CA GLU B 140 7.53 -13.20 1.35
C GLU B 140 7.48 -11.72 1.72
N VAL B 141 7.24 -11.48 3.02
CA VAL B 141 6.81 -10.16 3.48
C VAL B 141 7.82 -9.09 3.08
N CYS B 142 9.06 -9.26 3.50
CA CYS B 142 10.17 -8.38 3.13
C CYS B 142 11.46 -9.14 3.40
N PHE B 143 12.60 -8.50 3.19
CA PHE B 143 13.89 -9.17 3.35
C PHE B 143 14.41 -8.99 4.77
N VAL B 144 14.82 -10.10 5.40
CA VAL B 144 15.34 -10.03 6.77
C VAL B 144 16.65 -9.27 6.86
N ASP B 145 17.35 -9.11 5.74
CA ASP B 145 18.70 -8.57 5.72
C ASP B 145 18.77 -7.23 5.00
N SER B 146 17.64 -6.59 4.76
CA SER B 146 17.59 -5.22 4.24
C SER B 146 17.32 -4.29 5.41
N LYS B 147 18.22 -3.33 5.64
CA LYS B 147 17.98 -2.40 6.75
C LYS B 147 16.73 -1.56 6.50
N ALA B 148 16.53 -1.12 5.26
CA ALA B 148 15.36 -0.29 4.95
C ALA B 148 14.06 -1.08 5.13
N ASP B 149 14.01 -2.31 4.62
CA ASP B 149 12.83 -3.15 4.79
C ASP B 149 12.52 -3.36 6.27
N THR B 150 13.54 -3.81 7.03
CA THR B 150 13.30 -4.17 8.42
C THR B 150 13.09 -2.94 9.29
N ASP B 151 13.68 -1.81 8.92
CA ASP B 151 13.43 -0.58 9.66
C ASP B 151 11.95 -0.23 9.63
N TYR B 152 11.32 -0.38 8.47
CA TYR B 152 9.88 -0.15 8.41
C TYR B 152 9.12 -1.24 9.15
N TYR B 153 9.43 -2.50 8.86
CA TYR B 153 8.69 -3.62 9.42
C TYR B 153 8.66 -3.57 10.95
N ILE B 154 9.84 -3.41 11.57
CA ILE B 154 9.95 -3.49 13.03
C ILE B 154 9.08 -2.43 13.70
N ARG B 155 8.95 -1.26 13.09
CA ARG B 155 8.19 -0.15 13.63
C ARG B 155 6.72 -0.13 13.21
N HIS B 156 6.28 -1.03 12.34
CA HIS B 156 4.92 -0.99 11.82
C HIS B 156 4.32 -2.38 11.69
N LYS B 157 4.60 -3.27 12.64
CA LYS B 157 4.17 -4.66 12.48
C LYS B 157 2.65 -4.77 12.34
N ASP B 158 1.90 -4.02 13.15
CA ASP B 158 0.44 -4.04 13.06
C ASP B 158 -0.05 -3.57 11.71
N ILE B 159 0.61 -2.56 11.11
CA ILE B 159 0.22 -2.09 9.79
C ILE B 159 0.51 -3.15 8.73
N VAL B 160 1.68 -3.79 8.81
CA VAL B 160 1.97 -4.90 7.89
C VAL B 160 0.88 -5.96 7.96
N ALA B 161 0.47 -6.32 9.18
CA ALA B 161 -0.58 -7.33 9.36
C ALA B 161 -1.92 -6.84 8.82
N LYS B 162 -2.26 -5.57 9.08
CA LYS B 162 -3.51 -5.02 8.59
C LYS B 162 -3.57 -5.07 7.06
N LEU B 163 -2.47 -4.69 6.42
CA LEU B 163 -2.43 -4.68 4.95
C LEU B 163 -2.59 -6.09 4.38
N ILE B 164 -1.94 -7.08 4.99
CA ILE B 164 -2.12 -8.47 4.55
C ILE B 164 -3.58 -8.89 4.70
N ALA B 165 -4.17 -8.60 5.85
CA ALA B 165 -5.56 -8.96 6.09
C ALA B 165 -6.50 -8.28 5.09
N GLU B 166 -6.26 -6.98 4.81
CA GLU B 166 -7.10 -6.28 3.85
C GLU B 166 -6.96 -6.86 2.45
N GLY B 167 -5.75 -7.28 2.07
CA GLY B 167 -5.58 -7.94 0.78
C GLY B 167 -6.30 -9.27 0.71
N ILE B 168 -6.23 -10.07 1.78
CA ILE B 168 -6.90 -11.37 1.79
C ILE B 168 -8.41 -11.19 1.70
N LEU B 169 -8.97 -10.28 2.50
CA LEU B 169 -10.41 -10.11 2.58
C LEU B 169 -10.97 -9.18 1.52
N ASN B 170 -10.12 -8.47 0.78
CA ASN B 170 -10.56 -7.56 -0.27
C ASN B 170 -11.50 -6.46 0.26
N LYS B 171 -11.14 -5.90 1.41
CA LYS B 171 -11.91 -4.78 1.92
C LYS B 171 -11.08 -4.03 2.94
N THR B 172 -11.53 -2.82 3.26
CA THR B 172 -10.91 -2.01 4.29
C THR B 172 -11.30 -2.56 5.67
N ILE B 173 -10.33 -2.58 6.58
CA ILE B 173 -10.59 -3.07 7.94
C ILE B 173 -10.41 -1.96 8.96
#